data_4UXV
#
_entry.id   4UXV
#
_cell.length_a   222.703
_cell.length_b   222.703
_cell.length_c   184.115
_cell.angle_alpha   90.00
_cell.angle_beta   90.00
_cell.angle_gamma   120.00
#
_symmetry.space_group_name_H-M   'H 3 2'
#
_entity_poly.entity_id   1
_entity_poly.type   'polypeptide(L)'
_entity_poly.pdbx_seq_one_letter_code
;GSHMRKKIYAEIDRLESWKIEILNRSIVEEMSKIKHLKMTGQTEEFFEKWREEWDEIVTAHMPKVEELLYDAEENADKYR
FKKANQVLVHIDDLLTAAESSIEKILREISDLVTSEEKSREEIEQVRERYSKSRKNLLAYSHLYGELYDSLEKDLDEIWS
GIKQFEEETEGGNYITARKVLLEQDRNLERLQSYIDDVPKLLADCKQTVPGQIAKLKDGYGEMKEKGYKLEHIQLDKELE
NLSNQLKRAEHVLMTELDIDEASAILQLIDENIQSVYQQLEGEVEAGQSVLSKMPELIIAYDKLKEEKEHTKAETELVKE
SYRLTAGELGKQQAFEKRLDEIGKLLSSVKDKLDAEHVAYSLLVEEVASIEKQIEEVKKEHAEYRENLQALRKEELQARE
TLSNLKKTISETARLLKTSNIPGIPSHIQEMLENAHHHIQETVNQLNELPLNMEEAGAHLKQAEDIVNRASRESEELVEQ
VILIEKIIQFGNRFRSQNHILSEQLKEAERRFYAFDYDDSYEIAAAAVEKAAPGAVEKIKADISA
;
_entity_poly.pdbx_strand_id   A
#
# COMPACT_ATOMS: atom_id res chain seq x y z
N LYS A 7 2.17 30.17 -75.97
CA LYS A 7 1.65 31.39 -76.56
C LYS A 7 0.88 32.24 -75.53
N ILE A 8 0.10 31.56 -74.70
CA ILE A 8 -0.76 32.19 -73.70
C ILE A 8 0.07 32.80 -72.56
N TYR A 9 1.30 32.31 -72.44
CA TYR A 9 2.25 32.84 -71.49
C TYR A 9 2.40 34.34 -71.64
N ALA A 10 2.28 34.82 -72.88
CA ALA A 10 2.38 36.26 -73.15
C ALA A 10 1.25 36.99 -72.45
N GLU A 11 0.05 36.45 -72.54
CA GLU A 11 -1.11 37.01 -71.86
C GLU A 11 -0.92 37.00 -70.35
N ILE A 12 -0.43 35.89 -69.82
CA ILE A 12 -0.10 35.81 -68.40
C ILE A 12 0.94 36.87 -68.02
N ASP A 13 1.85 37.15 -68.95
CA ASP A 13 2.91 38.13 -68.75
C ASP A 13 2.34 39.54 -68.67
N ARG A 14 1.34 39.82 -69.50
CA ARG A 14 0.63 41.09 -69.42
C ARG A 14 -0.12 41.20 -68.09
N LEU A 15 -0.82 40.14 -67.73
CA LEU A 15 -1.60 40.09 -66.50
C LEU A 15 -0.76 40.42 -65.25
N GLU A 16 0.38 39.77 -65.09
CA GLU A 16 1.26 40.03 -63.95
C GLU A 16 2.12 41.26 -64.17
N SER A 17 1.79 42.06 -65.18
CA SER A 17 2.38 43.38 -65.35
C SER A 17 1.35 44.43 -64.97
N TRP A 18 0.13 44.28 -65.47
CA TRP A 18 -0.99 45.14 -65.09
C TRP A 18 -1.20 45.09 -63.58
N LYS A 19 -1.19 43.86 -63.04
CA LYS A 19 -1.35 43.65 -61.60
C LYS A 19 -0.32 44.41 -60.78
N ILE A 20 0.96 44.16 -61.06
CA ILE A 20 2.03 44.78 -60.29
C ILE A 20 2.03 46.31 -60.45
N GLU A 21 1.81 46.78 -61.68
CA GLU A 21 1.80 48.21 -61.95
C GLU A 21 0.66 48.92 -61.22
N ILE A 22 -0.55 48.39 -61.33
CA ILE A 22 -1.73 48.99 -60.69
C ILE A 22 -1.66 48.92 -59.17
N LEU A 23 -1.27 47.77 -58.64
CA LEU A 23 -1.13 47.60 -57.20
C LEU A 23 -0.07 48.55 -56.63
N ASN A 24 1.05 48.67 -57.34
CA ASN A 24 2.12 49.57 -56.90
C ASN A 24 1.72 51.03 -56.99
N ARG A 25 1.00 51.39 -58.06
CA ARG A 25 0.47 52.73 -58.22
C ARG A 25 -0.43 53.05 -57.04
N SER A 26 -1.32 52.12 -56.71
CA SER A 26 -2.25 52.31 -55.62
C SER A 26 -1.55 52.47 -54.27
N ILE A 27 -0.63 51.56 -53.97
CA ILE A 27 0.04 51.59 -52.67
C ILE A 27 0.99 52.79 -52.50
N VAL A 28 1.67 53.19 -53.56
CA VAL A 28 2.54 54.36 -53.51
C VAL A 28 1.69 55.63 -53.45
N GLU A 29 0.53 55.59 -54.09
CA GLU A 29 -0.45 56.67 -53.98
C GLU A 29 -0.95 56.69 -52.54
N GLU A 30 -0.98 55.51 -51.93
CA GLU A 30 -1.44 55.37 -50.55
C GLU A 30 -0.28 55.42 -49.57
N MET A 31 0.43 56.53 -49.55
CA MET A 31 1.53 56.72 -48.61
C MET A 31 1.42 58.07 -47.91
N SER A 32 0.89 59.05 -48.63
CA SER A 32 0.71 60.38 -48.08
C SER A 32 -0.77 60.72 -47.91
N LYS A 33 -1.60 60.08 -48.73
CA LYS A 33 -3.04 60.35 -48.71
C LYS A 33 -3.80 59.31 -47.90
N ILE A 34 -3.10 58.55 -47.07
CA ILE A 34 -3.72 57.58 -46.18
C ILE A 34 -2.78 57.23 -45.03
N LYS A 35 -3.37 56.99 -43.85
CA LYS A 35 -2.61 56.61 -42.65
C LYS A 35 -1.45 57.55 -42.36
N HIS A 36 -1.55 58.78 -42.86
CA HIS A 36 -0.48 59.75 -42.73
C HIS A 36 -0.40 60.28 -41.31
N LEU A 37 -1.49 60.12 -40.56
CA LEU A 37 -1.51 60.51 -39.16
C LEU A 37 -0.36 59.81 -38.45
N LYS A 38 0.19 60.47 -37.43
CA LYS A 38 1.38 60.04 -36.69
C LYS A 38 2.63 59.92 -37.58
N MET A 39 3.75 60.40 -37.05
CA MET A 39 5.03 60.32 -37.75
C MET A 39 6.20 60.63 -36.83
N THR A 40 7.08 59.64 -36.64
CA THR A 40 8.29 59.85 -35.87
C THR A 40 9.44 60.23 -36.79
N GLY A 41 10.04 61.40 -36.55
CA GLY A 41 11.09 61.91 -37.41
C GLY A 41 12.41 61.15 -37.38
N GLN A 42 12.36 59.91 -36.93
CA GLN A 42 13.53 59.04 -36.91
C GLN A 42 13.25 57.75 -37.65
N THR A 43 12.33 56.96 -37.11
CA THR A 43 12.00 55.65 -37.66
C THR A 43 11.27 55.76 -38.99
N GLU A 44 10.51 56.83 -39.16
CA GLU A 44 9.75 57.02 -40.39
C GLU A 44 10.63 57.46 -41.55
N GLU A 45 11.65 58.27 -41.26
CA GLU A 45 12.56 58.77 -42.29
C GLU A 45 13.48 57.68 -42.81
N PHE A 46 13.46 56.53 -42.13
CA PHE A 46 14.15 55.35 -42.62
C PHE A 46 13.35 54.75 -43.74
N PHE A 47 12.07 54.51 -43.48
CA PHE A 47 11.24 53.91 -44.52
C PHE A 47 10.83 54.92 -45.60
N GLU A 48 10.78 56.20 -45.24
CA GLU A 48 10.54 57.25 -46.24
C GLU A 48 11.63 57.29 -47.33
N LYS A 49 12.64 56.45 -47.16
CA LYS A 49 13.66 56.20 -48.19
C LYS A 49 13.54 54.76 -48.72
N TRP A 50 13.30 53.82 -47.82
CA TRP A 50 13.08 52.44 -48.22
C TRP A 50 11.91 52.29 -49.20
N ARG A 51 10.82 53.00 -48.95
CA ARG A 51 9.65 52.97 -49.85
C ARG A 51 10.00 53.57 -51.21
N GLU A 52 10.99 54.45 -51.20
CA GLU A 52 11.38 55.11 -52.42
C GLU A 52 12.18 54.13 -53.25
N GLU A 53 13.26 53.62 -52.69
CA GLU A 53 14.14 52.73 -53.43
C GLU A 53 13.45 51.41 -53.81
N TRP A 54 12.53 50.94 -52.97
CA TRP A 54 11.77 49.73 -53.30
C TRP A 54 10.93 49.93 -54.55
N ASP A 55 10.48 51.15 -54.78
CA ASP A 55 9.69 51.47 -55.96
C ASP A 55 10.64 51.85 -57.10
N GLU A 56 11.86 52.24 -56.74
CA GLU A 56 12.87 52.60 -57.72
C GLU A 56 13.39 51.32 -58.37
N ILE A 57 13.25 50.22 -57.63
CA ILE A 57 13.57 48.91 -58.17
C ILE A 57 12.59 48.55 -59.27
N VAL A 58 11.30 48.70 -58.99
CA VAL A 58 10.27 48.28 -59.94
C VAL A 58 10.15 49.19 -61.14
N THR A 59 10.75 50.38 -61.05
CA THR A 59 10.83 51.25 -62.22
C THR A 59 12.13 51.02 -62.96
N ALA A 60 12.82 49.96 -62.57
CA ALA A 60 14.03 49.52 -63.26
C ALA A 60 13.90 48.05 -63.64
N HIS A 61 13.23 47.28 -62.79
CA HIS A 61 13.10 45.84 -62.98
C HIS A 61 11.85 45.46 -63.76
N MET A 62 10.98 46.42 -64.01
CA MET A 62 9.87 46.21 -64.93
C MET A 62 10.21 46.61 -66.38
N PRO A 63 10.94 47.74 -66.57
CA PRO A 63 11.41 48.01 -67.94
C PRO A 63 12.42 46.98 -68.43
N LYS A 64 13.03 46.23 -67.52
CA LYS A 64 13.91 45.14 -67.91
C LYS A 64 13.09 44.00 -68.49
N VAL A 65 11.88 43.83 -67.96
CA VAL A 65 10.95 42.85 -68.50
C VAL A 65 10.40 43.33 -69.83
N GLU A 66 10.20 44.64 -69.92
CA GLU A 66 9.76 45.26 -71.18
C GLU A 66 10.79 45.02 -72.27
N GLU A 67 12.06 45.24 -71.93
CA GLU A 67 13.16 44.97 -72.84
C GLU A 67 13.16 43.50 -73.22
N LEU A 68 12.88 42.65 -72.23
CA LEU A 68 12.86 41.22 -72.44
C LEU A 68 11.49 40.74 -72.92
N LEU A 69 10.96 41.42 -73.92
CA LEU A 69 9.78 40.94 -74.62
C LEU A 69 10.19 40.52 -76.02
N TYR A 70 11.28 39.76 -76.08
CA TYR A 70 11.82 39.23 -77.33
C TYR A 70 10.97 38.09 -77.87
N ASP A 71 9.96 37.70 -77.10
CA ASP A 71 9.03 36.67 -77.51
C ASP A 71 8.27 37.10 -78.76
N ALA A 72 8.12 38.42 -78.93
CA ALA A 72 7.46 38.97 -80.11
C ALA A 72 8.23 38.61 -81.38
N GLU A 73 9.55 38.54 -81.27
CA GLU A 73 10.40 38.19 -82.40
C GLU A 73 10.65 36.69 -82.45
N GLU A 74 10.81 36.07 -81.28
CA GLU A 74 11.00 34.63 -81.20
C GLU A 74 9.67 33.91 -81.40
N ASN A 75 9.03 34.17 -82.54
CA ASN A 75 7.73 33.59 -82.84
C ASN A 75 7.87 32.40 -83.78
N ALA A 76 9.10 31.92 -83.94
CA ALA A 76 9.39 30.83 -84.86
C ALA A 76 9.75 29.54 -84.14
N ASP A 77 10.28 29.66 -82.93
CA ASP A 77 10.69 28.49 -82.14
C ASP A 77 9.82 28.31 -80.90
N LYS A 78 9.92 27.13 -80.29
CA LYS A 78 9.19 26.81 -79.07
C LYS A 78 10.14 26.32 -77.99
N TYR A 79 11.42 26.25 -78.31
CA TYR A 79 12.43 25.75 -77.38
C TYR A 79 13.13 26.90 -76.66
N ARG A 80 13.49 27.94 -77.41
CA ARG A 80 14.10 29.13 -76.86
C ARG A 80 13.05 29.96 -76.13
N PHE A 81 11.79 29.59 -76.33
CA PHE A 81 10.65 30.25 -75.73
C PHE A 81 10.74 30.22 -74.21
N LYS A 82 10.42 29.07 -73.63
CA LYS A 82 10.39 28.90 -72.18
C LYS A 82 11.70 29.27 -71.49
N LYS A 83 12.82 29.12 -72.18
CA LYS A 83 14.12 29.46 -71.61
C LYS A 83 14.26 30.97 -71.38
N ALA A 84 13.42 31.75 -72.06
CA ALA A 84 13.39 33.19 -71.86
C ALA A 84 11.99 33.62 -71.42
N ASN A 85 11.25 32.66 -70.87
CA ASN A 85 9.89 32.92 -70.37
C ASN A 85 9.79 32.69 -68.87
N GLN A 86 10.18 31.50 -68.44
CA GLN A 86 10.18 31.16 -67.02
C GLN A 86 11.14 32.07 -66.27
N VAL A 87 12.16 32.54 -66.98
CA VAL A 87 13.05 33.59 -66.47
C VAL A 87 12.22 34.79 -66.04
N LEU A 88 11.40 35.29 -66.97
CA LEU A 88 10.59 36.46 -66.73
C LEU A 88 9.53 36.23 -65.65
N VAL A 89 8.81 35.12 -65.73
CA VAL A 89 7.78 34.84 -64.74
C VAL A 89 8.37 34.72 -63.35
N HIS A 90 9.55 34.12 -63.25
CA HIS A 90 10.22 34.02 -61.97
C HIS A 90 10.74 35.38 -61.51
N ILE A 91 11.05 36.26 -62.47
CA ILE A 91 11.42 37.63 -62.13
C ILE A 91 10.23 38.38 -61.53
N ASP A 92 9.09 38.29 -62.20
CA ASP A 92 7.85 38.91 -61.75
C ASP A 92 7.49 38.40 -60.36
N ASP A 93 7.62 37.09 -60.17
CA ASP A 93 7.42 36.50 -58.86
C ASP A 93 8.40 37.12 -57.86
N LEU A 94 9.65 37.31 -58.29
CA LEU A 94 10.67 37.84 -57.39
C LEU A 94 10.36 39.27 -56.94
N LEU A 95 9.73 40.03 -57.83
CA LEU A 95 9.35 41.41 -57.50
C LEU A 95 8.11 41.44 -56.60
N THR A 96 7.07 40.72 -57.00
CA THR A 96 5.81 40.74 -56.26
C THR A 96 5.89 39.97 -54.95
N ALA A 97 7.00 39.26 -54.75
CA ALA A 97 7.28 38.65 -53.46
C ALA A 97 8.07 39.62 -52.60
N ALA A 98 8.65 40.63 -53.27
CA ALA A 98 9.35 41.69 -52.57
C ALA A 98 8.43 42.88 -52.34
N GLU A 99 7.22 42.79 -52.89
CA GLU A 99 6.22 43.86 -52.74
C GLU A 99 5.28 43.61 -51.57
N SER A 100 4.70 42.41 -51.53
CA SER A 100 3.80 42.04 -50.44
C SER A 100 4.53 42.08 -49.11
N SER A 101 5.86 41.96 -49.17
CA SER A 101 6.70 42.13 -48.00
C SER A 101 6.60 43.56 -47.49
N ILE A 102 6.67 44.52 -48.42
CA ILE A 102 6.53 45.93 -48.09
C ILE A 102 5.14 46.21 -47.55
N GLU A 103 4.13 45.72 -48.27
CA GLU A 103 2.74 45.90 -47.86
C GLU A 103 2.51 45.36 -46.45
N LYS A 104 3.22 44.28 -46.10
CA LYS A 104 3.16 43.76 -44.75
C LYS A 104 3.93 44.66 -43.78
N ILE A 105 5.01 45.26 -44.29
CA ILE A 105 5.82 46.17 -43.47
C ILE A 105 4.98 47.36 -43.00
N LEU A 106 4.15 47.88 -43.89
CA LEU A 106 3.42 49.12 -43.66
C LEU A 106 2.16 48.89 -42.89
N ARG A 107 1.55 47.75 -43.17
CA ARG A 107 0.37 47.31 -42.48
C ARG A 107 0.79 46.74 -41.13
N GLU A 108 2.00 47.08 -40.71
CA GLU A 108 2.45 46.86 -39.35
C GLU A 108 2.76 48.20 -38.70
N ILE A 109 3.49 49.04 -39.41
CA ILE A 109 3.83 50.37 -38.91
C ILE A 109 2.57 51.17 -38.62
N SER A 110 1.57 51.02 -39.47
CA SER A 110 0.28 51.65 -39.26
C SER A 110 -0.50 50.89 -38.20
N ASP A 111 -0.13 49.64 -37.98
CA ASP A 111 -0.73 48.83 -36.94
C ASP A 111 -0.02 49.04 -35.61
N LEU A 112 1.31 49.07 -35.67
CA LEU A 112 2.11 49.18 -34.45
C LEU A 112 2.21 50.61 -33.92
N VAL A 113 1.49 51.54 -34.55
CA VAL A 113 1.28 52.86 -33.97
C VAL A 113 -0.13 52.96 -33.42
N THR A 114 -1.13 52.70 -34.25
CA THR A 114 -2.52 52.92 -33.86
C THR A 114 -2.95 52.05 -32.70
N SER A 115 -2.33 50.88 -32.58
CA SER A 115 -2.61 49.99 -31.47
C SER A 115 -2.06 50.58 -30.17
N GLU A 116 -0.75 50.78 -30.16
CA GLU A 116 -0.03 51.26 -28.97
C GLU A 116 -0.44 52.68 -28.59
N GLU A 117 -1.12 53.35 -29.51
CA GLU A 117 -1.65 54.69 -29.30
C GLU A 117 -2.91 54.58 -28.47
N LYS A 118 -3.48 53.39 -28.43
CA LYS A 118 -4.69 53.13 -27.66
C LYS A 118 -4.39 52.38 -26.37
N SER A 119 -3.11 52.06 -26.17
CA SER A 119 -2.70 51.33 -24.98
C SER A 119 -2.12 52.26 -23.92
N ARG A 120 -1.51 53.36 -24.36
CA ARG A 120 -0.93 54.33 -23.45
C ARG A 120 -1.99 54.87 -22.52
N GLU A 121 -3.23 54.89 -22.98
CA GLU A 121 -4.35 55.28 -22.15
C GLU A 121 -4.42 54.41 -20.91
N GLU A 122 -4.44 53.09 -21.13
CA GLU A 122 -4.47 52.16 -20.01
C GLU A 122 -3.21 52.26 -19.18
N ILE A 123 -2.07 52.45 -19.83
CA ILE A 123 -0.79 52.52 -19.11
C ILE A 123 -0.78 53.70 -18.12
N GLU A 124 -1.21 54.87 -18.59
CA GLU A 124 -1.32 56.04 -17.73
C GLU A 124 -2.40 55.80 -16.68
N GLN A 125 -3.45 55.08 -17.07
CA GLN A 125 -4.54 54.77 -16.16
C GLN A 125 -4.08 53.89 -15.00
N VAL A 126 -3.07 53.07 -15.25
CA VAL A 126 -2.52 52.18 -14.23
C VAL A 126 -1.53 52.95 -13.36
N ARG A 127 -0.70 53.77 -13.99
CA ARG A 127 0.24 54.61 -13.24
C ARG A 127 -0.49 55.63 -12.38
N GLU A 128 -1.77 55.85 -12.70
CA GLU A 128 -2.63 56.68 -11.87
C GLU A 128 -3.10 55.89 -10.66
N ARG A 129 -3.11 54.56 -10.78
CA ARG A 129 -3.53 53.72 -9.68
C ARG A 129 -2.36 53.09 -8.94
N TYR A 130 -1.15 53.51 -9.29
CA TYR A 130 0.02 53.06 -8.55
C TYR A 130 0.59 54.21 -7.72
N SER A 131 0.38 55.43 -8.20
CA SER A 131 0.65 56.61 -7.40
C SER A 131 -0.24 56.53 -6.15
N LYS A 132 -1.50 56.21 -6.37
CA LYS A 132 -2.48 56.16 -5.28
C LYS A 132 -2.18 55.05 -4.28
N SER A 133 -1.76 53.88 -4.77
CA SER A 133 -1.53 52.75 -3.89
C SER A 133 -0.21 52.84 -3.12
N ARG A 134 0.66 53.76 -3.51
CA ARG A 134 1.88 54.02 -2.76
C ARG A 134 1.79 55.35 -2.02
N LYS A 135 0.76 56.13 -2.37
CA LYS A 135 0.46 57.36 -1.64
C LYS A 135 0.24 57.05 -0.16
N ASN A 136 -0.70 56.14 0.11
CA ASN A 136 -0.92 55.67 1.46
C ASN A 136 -0.16 54.39 1.76
N LEU A 137 1.13 54.52 2.01
CA LEU A 137 1.98 53.39 2.38
C LEU A 137 3.33 53.89 2.85
N LEU A 138 3.86 53.26 3.90
CA LEU A 138 5.19 53.60 4.40
C LEU A 138 6.01 52.36 4.69
N ALA A 139 5.33 51.26 5.00
CA ALA A 139 6.01 49.99 5.14
C ALA A 139 6.56 49.66 3.78
N TYR A 140 7.80 49.18 3.73
CA TYR A 140 8.45 48.74 2.48
C TYR A 140 8.33 49.70 1.28
N SER A 141 8.26 51.01 1.55
CA SER A 141 8.11 51.99 0.47
C SER A 141 9.41 52.72 0.12
N HIS A 142 10.52 51.98 0.13
CA HIS A 142 11.79 52.55 -0.26
C HIS A 142 12.10 52.15 -1.69
N LEU A 143 11.82 50.88 -2.01
CA LEU A 143 12.04 50.35 -3.34
C LEU A 143 10.94 50.82 -4.28
N TYR A 144 9.71 50.88 -3.76
CA TYR A 144 8.55 51.31 -4.54
C TYR A 144 8.78 52.68 -5.16
N GLY A 145 9.46 53.56 -4.42
CA GLY A 145 9.77 54.88 -4.92
C GLY A 145 10.65 54.80 -6.15
N GLU A 146 11.70 53.99 -6.06
CA GLU A 146 12.62 53.80 -7.17
C GLU A 146 11.89 53.24 -8.39
N LEU A 147 11.05 52.24 -8.14
CA LEU A 147 10.31 51.60 -9.23
C LEU A 147 9.35 52.56 -9.92
N TYR A 148 8.50 53.23 -9.13
CA TYR A 148 7.60 54.26 -9.65
C TYR A 148 8.37 55.29 -10.45
N ASP A 149 9.52 55.72 -9.90
CA ASP A 149 10.34 56.76 -10.49
C ASP A 149 10.82 56.37 -11.88
N SER A 150 11.50 55.23 -11.97
CA SER A 150 12.00 54.74 -13.25
C SER A 150 10.84 54.52 -14.21
N LEU A 151 9.72 54.04 -13.69
CA LEU A 151 8.54 53.76 -14.50
C LEU A 151 8.04 55.02 -15.19
N GLU A 152 7.76 56.05 -14.41
CA GLU A 152 7.26 57.29 -14.95
C GLU A 152 8.33 57.98 -15.81
N LYS A 153 9.61 57.66 -15.55
CA LYS A 153 10.68 58.13 -16.41
C LYS A 153 10.52 57.52 -17.80
N ASP A 154 10.26 56.22 -17.84
CA ASP A 154 10.02 55.53 -19.11
C ASP A 154 8.82 56.11 -19.84
N LEU A 155 7.69 56.21 -19.14
CA LEU A 155 6.49 56.78 -19.75
C LEU A 155 6.75 58.19 -20.26
N ASP A 156 7.58 58.93 -19.53
CA ASP A 156 7.97 60.26 -19.95
C ASP A 156 8.87 60.20 -21.19
N GLU A 157 9.56 59.07 -21.36
CA GLU A 157 10.45 58.92 -22.50
C GLU A 157 9.70 58.54 -23.77
N ILE A 158 8.65 57.73 -23.64
CA ILE A 158 7.86 57.28 -24.80
C ILE A 158 7.34 58.47 -25.61
N TRP A 159 6.99 59.54 -24.92
CA TRP A 159 6.60 60.78 -25.59
C TRP A 159 7.67 61.21 -26.59
N TYR A 174 9.19 55.17 -33.89
CA TYR A 174 7.91 54.74 -33.35
C TYR A 174 8.00 53.36 -32.68
N ILE A 175 8.63 52.41 -33.36
CA ILE A 175 8.55 51.01 -32.97
C ILE A 175 9.32 50.80 -31.68
N THR A 176 10.38 51.58 -31.52
CA THR A 176 11.13 51.60 -30.28
C THR A 176 10.18 52.01 -29.16
N ALA A 177 9.39 53.05 -29.39
CA ALA A 177 8.43 53.52 -28.41
C ALA A 177 7.39 52.46 -28.08
N ARG A 178 6.94 51.73 -29.10
CA ARG A 178 6.03 50.61 -28.89
C ARG A 178 6.67 49.61 -27.94
N LYS A 179 7.93 49.26 -28.19
CA LYS A 179 8.66 48.35 -27.32
C LYS A 179 8.73 48.87 -25.89
N VAL A 180 9.03 50.15 -25.73
CA VAL A 180 9.12 50.74 -24.40
C VAL A 180 7.79 50.64 -23.66
N LEU A 181 6.70 50.87 -24.38
CA LEU A 181 5.36 50.68 -23.81
C LEU A 181 5.20 49.25 -23.33
N LEU A 182 5.51 48.31 -24.21
CA LEU A 182 5.38 46.89 -23.89
C LEU A 182 6.23 46.52 -22.68
N GLU A 183 7.30 47.27 -22.45
CA GLU A 183 8.11 47.10 -21.25
C GLU A 183 7.31 47.59 -20.06
N GLN A 184 6.73 48.77 -20.21
CA GLN A 184 6.02 49.41 -19.11
C GLN A 184 4.83 48.59 -18.64
N ASP A 185 4.21 47.83 -19.54
CA ASP A 185 3.16 46.91 -19.13
C ASP A 185 3.65 45.94 -18.07
N ARG A 186 4.68 45.17 -18.43
CA ARG A 186 5.28 44.19 -17.52
C ARG A 186 5.76 44.85 -16.24
N ASN A 187 6.34 46.04 -16.37
CA ASN A 187 6.79 46.80 -15.21
C ASN A 187 5.65 47.10 -14.23
N LEU A 188 4.54 47.58 -14.76
CA LEU A 188 3.34 47.83 -13.96
C LEU A 188 2.87 46.55 -13.28
N GLU A 189 2.76 45.49 -14.09
CA GLU A 189 2.38 44.19 -13.59
C GLU A 189 3.21 43.83 -12.37
N ARG A 190 4.52 44.07 -12.45
CA ARG A 190 5.41 43.78 -11.32
C ARG A 190 5.15 44.73 -10.16
N LEU A 191 4.82 45.97 -10.47
CA LEU A 191 4.59 46.95 -9.42
C LEU A 191 3.40 46.61 -8.55
N GLN A 192 2.27 46.23 -9.14
CA GLN A 192 1.16 45.84 -8.29
C GLN A 192 1.25 44.38 -7.82
N SER A 193 2.01 43.57 -8.54
CA SER A 193 2.32 42.22 -8.05
C SER A 193 3.07 42.38 -6.75
N TYR A 194 3.78 43.50 -6.63
CA TYR A 194 4.43 43.86 -5.39
C TYR A 194 3.42 44.43 -4.38
N ILE A 195 2.82 45.57 -4.74
CA ILE A 195 1.94 46.30 -3.83
C ILE A 195 0.80 45.45 -3.26
N ASP A 196 0.41 44.40 -3.96
CA ASP A 196 -0.63 43.51 -3.47
C ASP A 196 -0.14 42.51 -2.44
N ASP A 197 0.95 41.80 -2.76
CA ASP A 197 1.43 40.71 -1.90
C ASP A 197 2.27 41.18 -0.72
N VAL A 198 3.16 42.14 -0.96
CA VAL A 198 4.08 42.63 0.07
C VAL A 198 3.45 43.07 1.43
N PRO A 199 2.21 43.63 1.41
CA PRO A 199 1.54 43.89 2.68
C PRO A 199 1.60 42.72 3.67
N LYS A 200 1.10 41.57 3.25
CA LYS A 200 1.08 40.40 4.11
C LYS A 200 2.49 39.84 4.33
N LEU A 201 3.38 40.08 3.39
CA LEU A 201 4.73 39.52 3.43
C LEU A 201 5.53 39.98 4.65
N LEU A 202 5.62 41.29 4.83
CA LEU A 202 6.31 41.82 6.00
C LEU A 202 5.47 41.55 7.24
N ALA A 203 4.15 41.54 7.06
CA ALA A 203 3.20 41.36 8.16
C ALA A 203 3.38 40.04 8.91
N ASP A 204 4.17 39.14 8.34
CA ASP A 204 4.47 37.89 9.01
C ASP A 204 5.85 37.94 9.69
N CYS A 205 6.69 38.88 9.26
CA CYS A 205 8.00 39.04 9.89
C CYS A 205 7.92 40.02 11.06
N LYS A 206 6.76 40.03 11.72
CA LYS A 206 6.53 40.95 12.82
C LYS A 206 5.58 40.34 13.85
N GLN A 207 4.68 39.48 13.40
CA GLN A 207 3.65 38.94 14.28
C GLN A 207 3.35 37.48 14.01
N THR A 208 3.98 36.92 12.99
CA THR A 208 3.74 35.52 12.66
C THR A 208 5.06 34.74 12.61
N VAL A 209 6.17 35.45 12.70
CA VAL A 209 7.47 34.82 12.86
C VAL A 209 7.82 34.75 14.36
N PRO A 210 7.85 35.89 15.05
CA PRO A 210 7.99 35.72 16.50
C PRO A 210 6.68 35.23 17.08
N GLY A 211 5.60 35.41 16.32
CA GLY A 211 4.28 34.95 16.73
C GLY A 211 4.28 33.45 16.92
N GLN A 212 5.17 32.77 16.20
CA GLN A 212 5.30 31.33 16.34
C GLN A 212 6.49 30.97 17.22
N ILE A 213 7.58 31.73 17.11
CA ILE A 213 8.75 31.48 17.94
C ILE A 213 8.42 31.54 19.42
N ALA A 214 7.65 32.57 19.80
CA ALA A 214 7.20 32.71 21.18
C ALA A 214 6.32 31.55 21.60
N LYS A 215 5.38 31.17 20.74
CA LYS A 215 4.46 30.08 21.05
C LYS A 215 5.20 28.75 21.23
N LEU A 216 6.31 28.58 20.51
CA LEU A 216 7.07 27.34 20.58
C LEU A 216 8.01 27.30 21.78
N LYS A 217 8.70 28.41 22.05
CA LYS A 217 9.56 28.47 23.22
C LYS A 217 8.76 28.41 24.51
N ASP A 218 7.63 29.12 24.53
CA ASP A 218 6.68 29.01 25.64
C ASP A 218 6.05 27.63 25.63
N GLY A 219 6.03 27.01 24.44
CA GLY A 219 5.60 25.63 24.31
C GLY A 219 6.47 24.74 25.17
N TYR A 220 7.78 24.81 24.96
CA TYR A 220 8.74 24.07 25.79
C TYR A 220 8.59 24.46 27.26
N GLY A 221 8.44 25.75 27.51
CA GLY A 221 8.23 26.24 28.87
C GLY A 221 7.08 25.56 29.58
N GLU A 222 6.01 25.27 28.83
CA GLU A 222 4.88 24.51 29.35
C GLU A 222 5.25 23.03 29.40
N MET A 223 5.74 22.51 28.28
CA MET A 223 6.14 21.10 28.19
C MET A 223 7.36 20.78 29.08
N LYS A 224 7.55 21.58 30.13
CA LYS A 224 8.58 21.30 31.14
C LYS A 224 8.02 20.50 32.29
N GLU A 225 6.88 19.86 32.03
CA GLU A 225 6.24 18.98 33.00
C GLU A 225 6.06 17.62 32.36
N LYS A 226 6.54 17.50 31.12
CA LYS A 226 6.44 16.27 30.34
C LYS A 226 7.50 16.23 29.23
N GLY A 227 8.76 16.28 29.62
CA GLY A 227 9.85 16.26 28.66
C GLY A 227 11.17 15.86 29.28
N TYR A 228 11.99 15.15 28.52
CA TYR A 228 13.22 14.57 29.06
C TYR A 228 14.48 15.08 28.36
N LYS A 229 15.65 14.74 28.92
CA LYS A 229 16.94 15.12 28.37
C LYS A 229 17.22 14.38 27.05
N LEU A 230 16.60 13.22 26.89
CA LEU A 230 16.72 12.44 25.65
C LEU A 230 16.28 13.32 24.48
N GLU A 231 15.19 14.04 24.69
CA GLU A 231 14.80 15.11 23.78
C GLU A 231 15.22 16.46 24.37
N HIS A 232 16.52 16.71 24.29
CA HIS A 232 17.11 18.03 24.53
C HIS A 232 18.16 18.17 23.44
N ILE A 233 18.21 17.18 22.57
CA ILE A 233 19.10 17.16 21.41
C ILE A 233 18.29 17.34 20.14
N GLN A 234 17.40 16.40 19.87
CA GLN A 234 16.48 16.51 18.74
C GLN A 234 15.18 17.14 19.21
N LEU A 235 15.22 18.45 19.41
CA LEU A 235 14.05 19.20 19.89
C LEU A 235 14.35 20.70 19.84
N ASP A 236 15.41 21.11 20.54
CA ASP A 236 15.80 22.51 20.62
C ASP A 236 16.63 22.92 19.41
N LYS A 237 16.85 21.98 18.51
CA LYS A 237 17.70 22.17 17.34
C LYS A 237 16.90 22.74 16.17
N GLU A 238 15.65 22.29 16.07
CA GLU A 238 14.77 22.71 14.99
C GLU A 238 14.49 24.21 15.07
N LEU A 239 14.56 24.76 16.27
CA LEU A 239 14.44 26.20 16.47
C LEU A 239 15.68 26.90 15.91
N GLU A 240 16.82 26.20 15.97
CA GLU A 240 18.06 26.74 15.44
C GLU A 240 18.01 26.70 13.91
N ASN A 241 17.19 25.82 13.36
CA ASN A 241 16.94 25.82 11.91
C ASN A 241 15.95 26.92 11.49
N LEU A 242 14.88 27.05 12.26
CA LEU A 242 13.88 28.08 12.04
C LEU A 242 14.50 29.47 12.07
N SER A 243 15.20 29.76 13.17
CA SER A 243 15.89 31.04 13.38
C SER A 243 16.86 31.38 12.26
N ASN A 244 17.21 30.38 11.47
CA ASN A 244 17.94 30.60 10.22
C ASN A 244 16.98 30.95 9.10
N GLN A 245 15.93 30.14 8.93
CA GLN A 245 14.97 30.34 7.84
C GLN A 245 14.37 31.75 7.85
N LEU A 246 14.16 32.30 9.04
CA LEU A 246 13.61 33.65 9.16
C LEU A 246 14.56 34.68 8.56
N LYS A 247 15.83 34.61 8.98
CA LYS A 247 16.84 35.56 8.49
C LYS A 247 17.09 35.38 7.02
N ARG A 248 16.94 34.15 6.53
CA ARG A 248 17.04 33.89 5.09
C ARG A 248 15.91 34.58 4.35
N ALA A 249 14.71 34.47 4.90
CA ALA A 249 13.54 35.15 4.33
C ALA A 249 13.76 36.66 4.27
N GLU A 250 14.25 37.22 5.37
CA GLU A 250 14.53 38.65 5.44
C GLU A 250 15.58 39.07 4.41
N HIS A 251 16.68 38.33 4.36
CA HIS A 251 17.74 38.65 3.41
C HIS A 251 17.24 38.54 2.00
N VAL A 252 16.25 37.68 1.78
CA VAL A 252 15.59 37.59 0.49
C VAL A 252 14.80 38.86 0.18
N LEU A 253 13.82 39.18 1.02
CA LEU A 253 12.92 40.29 0.75
C LEU A 253 13.58 41.66 0.73
N MET A 254 14.40 41.95 1.74
CA MET A 254 15.00 43.27 1.86
C MET A 254 16.03 43.55 0.76
N THR A 255 16.61 42.49 0.20
CA THR A 255 17.42 42.62 -1.00
C THR A 255 16.47 42.56 -2.19
N GLU A 256 16.90 43.06 -3.35
CA GLU A 256 16.01 43.27 -4.50
C GLU A 256 15.12 42.08 -4.89
N LEU A 257 15.35 40.93 -4.28
CA LEU A 257 14.51 39.76 -4.50
C LEU A 257 13.07 40.06 -4.09
N ASP A 258 12.13 39.27 -4.63
CA ASP A 258 10.71 39.52 -4.42
C ASP A 258 9.99 38.33 -3.79
N ILE A 259 8.66 38.36 -3.84
CA ILE A 259 7.79 37.39 -3.18
C ILE A 259 8.19 35.93 -3.44
N ASP A 260 8.68 35.66 -4.64
CA ASP A 260 9.15 34.34 -5.00
C ASP A 260 10.29 33.95 -4.06
N GLU A 261 10.34 32.66 -3.71
CA GLU A 261 11.27 32.10 -2.73
C GLU A 261 10.88 32.39 -1.28
N ALA A 262 10.59 33.66 -0.98
CA ALA A 262 10.20 34.06 0.36
C ALA A 262 8.85 33.46 0.74
N SER A 263 7.87 33.59 -0.16
CA SER A 263 6.54 33.05 0.07
C SER A 263 6.59 31.52 0.19
N ALA A 264 7.63 30.93 -0.37
CA ALA A 264 7.86 29.50 -0.23
C ALA A 264 8.51 29.23 1.12
N ILE A 265 9.43 30.12 1.49
CA ILE A 265 10.14 29.99 2.76
C ILE A 265 9.16 30.00 3.93
N LEU A 266 8.17 30.87 3.86
CA LEU A 266 7.12 30.91 4.88
C LEU A 266 6.43 29.56 5.00
N GLN A 267 6.18 28.92 3.86
CA GLN A 267 5.57 27.60 3.85
C GLN A 267 6.46 26.59 4.54
N LEU A 268 7.74 26.56 4.16
CA LEU A 268 8.71 25.66 4.76
C LEU A 268 8.72 25.80 6.28
N ILE A 269 8.80 27.05 6.72
CA ILE A 269 8.79 27.37 8.13
C ILE A 269 7.53 26.85 8.81
N ASP A 270 6.38 27.09 8.20
CA ASP A 270 5.11 26.65 8.77
C ASP A 270 5.08 25.14 8.93
N GLU A 271 5.60 24.45 7.91
CA GLU A 271 5.74 23.00 7.96
C GLU A 271 6.57 22.61 9.18
N ASN A 272 7.72 23.27 9.35
CA ASN A 272 8.60 22.99 10.48
C ASN A 272 7.87 23.14 11.81
N ILE A 273 7.16 24.25 11.94
CA ILE A 273 6.45 24.58 13.17
C ILE A 273 5.40 23.55 13.51
N GLN A 274 4.46 23.33 12.59
CA GLN A 274 3.38 22.37 12.86
C GLN A 274 3.91 20.95 13.04
N SER A 275 5.07 20.66 12.46
CA SER A 275 5.73 19.38 12.69
C SER A 275 6.12 19.29 14.16
N VAL A 276 6.72 20.35 14.68
CA VAL A 276 7.06 20.43 16.10
C VAL A 276 5.82 20.25 16.98
N TYR A 277 4.75 20.96 16.64
CA TYR A 277 3.48 20.84 17.36
C TYR A 277 2.99 19.39 17.42
N GLN A 278 2.98 18.72 16.27
CA GLN A 278 2.62 17.31 16.22
C GLN A 278 3.50 16.51 17.16
N GLN A 279 4.80 16.78 17.10
CA GLN A 279 5.77 16.09 17.95
C GLN A 279 5.44 16.26 19.43
N LEU A 280 4.91 17.43 19.80
CA LEU A 280 4.50 17.66 21.18
C LEU A 280 3.23 16.87 21.53
N GLU A 281 2.24 16.94 20.65
CA GLU A 281 0.98 16.23 20.87
C GLU A 281 1.18 14.72 21.00
N GLY A 282 2.22 14.20 20.33
CA GLY A 282 2.54 12.79 20.43
C GLY A 282 3.02 12.38 21.81
N GLU A 283 3.70 13.31 22.48
CA GLU A 283 4.19 13.08 23.83
C GLU A 283 3.07 13.36 24.84
N VAL A 284 2.12 14.20 24.44
CA VAL A 284 0.89 14.33 25.22
C VAL A 284 0.18 12.98 25.19
N GLU A 285 0.19 12.34 24.02
CA GLU A 285 -0.36 11.00 23.85
C GLU A 285 0.36 9.99 24.73
N ALA A 286 1.69 9.95 24.64
CA ALA A 286 2.48 9.02 25.45
C ALA A 286 2.26 9.23 26.94
N GLY A 287 1.98 10.47 27.32
CA GLY A 287 1.65 10.77 28.70
C GLY A 287 0.28 10.24 29.08
N GLN A 288 -0.68 10.33 28.17
CA GLN A 288 -2.04 9.89 28.45
C GLN A 288 -2.22 8.36 28.38
N SER A 289 -1.35 7.70 27.64
CA SER A 289 -1.46 6.26 27.42
C SER A 289 -1.11 5.47 28.68
N VAL A 290 -0.13 5.99 29.42
CA VAL A 290 0.31 5.37 30.67
C VAL A 290 -0.86 5.21 31.65
N LEU A 291 -1.70 6.23 31.71
CA LEU A 291 -2.87 6.23 32.59
C LEU A 291 -3.86 5.12 32.27
N SER A 292 -3.65 4.42 31.15
CA SER A 292 -4.49 3.28 30.79
C SER A 292 -3.64 2.02 30.67
N LYS A 293 -2.35 2.13 30.97
CA LYS A 293 -1.43 1.01 30.87
C LYS A 293 -0.82 0.67 32.24
N MET A 294 -0.96 1.58 33.18
CA MET A 294 -0.61 1.29 34.57
C MET A 294 -1.80 1.03 35.53
N PRO A 295 -3.05 1.11 35.03
CA PRO A 295 -4.07 0.40 35.81
C PRO A 295 -4.16 -1.06 35.36
N GLU A 296 -3.34 -1.43 34.38
CA GLU A 296 -3.22 -2.82 33.99
C GLU A 296 -2.28 -3.51 34.97
N LEU A 297 -1.58 -2.71 35.77
CA LEU A 297 -0.71 -3.24 36.81
C LEU A 297 -1.52 -3.45 38.08
N ILE A 298 -2.78 -3.01 38.04
CA ILE A 298 -3.73 -3.29 39.10
C ILE A 298 -4.16 -4.76 38.98
N ILE A 299 -4.22 -5.23 37.74
CA ILE A 299 -4.56 -6.62 37.47
C ILE A 299 -3.31 -7.50 37.63
N ALA A 300 -2.15 -6.86 37.78
CA ALA A 300 -0.90 -7.58 38.00
C ALA A 300 -0.87 -8.21 39.40
N TYR A 301 -1.83 -7.81 40.23
CA TYR A 301 -2.03 -8.44 41.53
C TYR A 301 -3.23 -9.39 41.44
N ASP A 302 -4.16 -9.08 40.53
CA ASP A 302 -5.32 -9.94 40.31
C ASP A 302 -4.90 -11.26 39.69
N LYS A 303 -3.70 -11.30 39.13
CA LYS A 303 -3.13 -12.53 38.62
C LYS A 303 -2.06 -13.05 39.58
N LEU A 304 -1.95 -12.40 40.73
CA LEU A 304 -1.14 -12.92 41.82
C LEU A 304 -2.00 -13.76 42.75
N LYS A 305 -2.82 -14.61 42.15
CA LYS A 305 -3.62 -15.57 42.90
C LYS A 305 -3.02 -16.97 42.75
N GLU A 306 -1.69 -17.02 42.71
CA GLU A 306 -0.96 -18.27 42.63
C GLU A 306 -1.27 -19.13 43.84
N GLU A 307 -1.28 -18.51 45.01
CA GLU A 307 -1.56 -19.21 46.26
C GLU A 307 -3.06 -19.43 46.44
N LYS A 308 -3.83 -19.10 45.41
CA LYS A 308 -5.25 -19.43 45.37
C LYS A 308 -5.51 -20.55 44.36
N GLU A 309 -4.57 -20.70 43.42
CA GLU A 309 -4.64 -21.80 42.48
C GLU A 309 -3.87 -23.02 42.98
N HIS A 310 -2.89 -22.78 43.84
CA HIS A 310 -2.13 -23.87 44.44
C HIS A 310 -2.88 -24.48 45.62
N THR A 311 -4.01 -23.88 45.98
CA THR A 311 -4.93 -24.48 46.93
C THR A 311 -5.94 -25.32 46.16
N LYS A 312 -6.25 -24.89 44.94
CA LYS A 312 -7.02 -25.70 44.02
C LYS A 312 -6.15 -26.88 43.64
N ALA A 313 -4.84 -26.65 43.69
CA ALA A 313 -3.87 -27.71 43.44
C ALA A 313 -3.61 -28.50 44.73
N GLU A 314 -4.54 -28.41 45.67
CA GLU A 314 -4.49 -29.24 46.86
C GLU A 314 -5.68 -30.18 46.87
N THR A 315 -6.20 -30.46 45.67
CA THR A 315 -7.14 -31.55 45.49
C THR A 315 -6.43 -32.70 44.78
N GLU A 316 -5.11 -32.62 44.76
CA GLU A 316 -4.27 -33.72 44.32
C GLU A 316 -4.28 -34.76 45.42
N LEU A 317 -4.47 -34.28 46.65
CA LEU A 317 -4.48 -35.12 47.83
C LEU A 317 -5.73 -36.00 47.89
N VAL A 318 -6.73 -35.67 47.10
CA VAL A 318 -7.98 -36.44 47.09
C VAL A 318 -8.13 -37.33 45.85
N LYS A 319 -7.74 -36.80 44.69
CA LYS A 319 -7.84 -37.55 43.44
C LYS A 319 -6.74 -37.14 42.46
N GLU A 320 -6.87 -37.61 41.21
CA GLU A 320 -5.97 -37.31 40.10
C GLU A 320 -4.55 -36.89 40.48
N SER A 321 -3.81 -37.80 41.09
CA SER A 321 -2.51 -37.48 41.66
C SER A 321 -1.42 -37.21 40.62
N TYR A 322 -1.77 -37.27 39.34
CA TYR A 322 -0.76 -37.03 38.29
C TYR A 322 -0.50 -35.53 38.15
N ARG A 323 -1.30 -34.74 38.86
CA ARG A 323 -1.04 -33.32 38.99
C ARG A 323 0.29 -33.13 39.70
N LEU A 324 0.61 -34.04 40.61
CA LEU A 324 1.85 -33.98 41.38
C LEU A 324 3.00 -34.61 40.60
N THR A 325 2.69 -35.24 39.46
CA THR A 325 3.71 -35.82 38.61
C THR A 325 4.18 -34.81 37.57
N ALA A 326 5.20 -35.18 36.81
CA ALA A 326 5.80 -34.28 35.84
C ALA A 326 4.83 -33.82 34.75
N GLY A 327 5.25 -32.83 33.97
CA GLY A 327 4.45 -32.31 32.88
C GLY A 327 3.09 -31.79 33.33
N GLU A 328 2.98 -31.48 34.61
CA GLU A 328 1.72 -31.02 35.17
C GLU A 328 1.96 -30.12 36.39
N LEU A 329 2.70 -30.61 37.37
CA LEU A 329 3.10 -29.79 38.49
C LEU A 329 4.14 -28.79 38.00
N GLY A 330 4.91 -29.21 37.01
CA GLY A 330 5.81 -28.31 36.30
C GLY A 330 4.99 -27.37 35.46
N LYS A 331 5.66 -26.59 34.61
CA LYS A 331 4.99 -25.60 33.75
C LYS A 331 4.30 -24.49 34.56
N GLN A 332 3.50 -24.87 35.55
CA GLN A 332 2.86 -23.90 36.43
C GLN A 332 3.90 -23.11 37.22
N GLN A 333 4.86 -23.82 37.80
CA GLN A 333 5.96 -23.19 38.51
C GLN A 333 6.79 -22.33 37.57
N ALA A 334 6.87 -22.75 36.31
CA ALA A 334 7.55 -21.98 35.28
C ALA A 334 6.78 -20.71 34.96
N PHE A 335 5.47 -20.75 35.15
CA PHE A 335 4.63 -19.58 34.97
C PHE A 335 4.73 -18.66 36.18
N GLU A 336 5.09 -19.26 37.32
CA GLU A 336 5.44 -18.47 38.49
C GLU A 336 6.76 -17.76 38.21
N LYS A 337 7.64 -18.44 37.47
CA LYS A 337 8.91 -17.85 37.05
C LYS A 337 8.65 -16.66 36.11
N ARG A 338 7.78 -16.88 35.13
CA ARG A 338 7.41 -15.80 34.20
C ARG A 338 6.77 -14.64 34.92
N LEU A 339 5.91 -14.93 35.89
CA LEU A 339 5.23 -13.91 36.66
C LEU A 339 6.22 -13.12 37.52
N ASP A 340 7.24 -13.80 38.02
CA ASP A 340 8.33 -13.12 38.72
C ASP A 340 9.06 -12.19 37.76
N GLU A 341 9.35 -12.69 36.57
CA GLU A 341 10.07 -11.92 35.55
C GLU A 341 9.34 -10.64 35.16
N ILE A 342 8.10 -10.77 34.72
CA ILE A 342 7.30 -9.61 34.36
C ILE A 342 7.09 -8.69 35.56
N GLY A 343 6.94 -9.29 36.74
CA GLY A 343 6.83 -8.54 37.98
C GLY A 343 8.06 -7.68 38.19
N LYS A 344 9.20 -8.15 37.70
CA LYS A 344 10.45 -7.40 37.80
C LYS A 344 10.53 -6.33 36.71
N LEU A 345 10.05 -6.67 35.51
CA LEU A 345 10.02 -5.72 34.41
C LEU A 345 9.15 -4.51 34.75
N LEU A 346 8.10 -4.74 35.54
CA LEU A 346 7.23 -3.65 35.98
C LEU A 346 7.99 -2.67 36.86
N SER A 347 8.62 -3.19 37.92
CA SER A 347 9.38 -2.37 38.84
C SER A 347 10.51 -1.64 38.12
N SER A 348 11.10 -2.29 37.11
CA SER A 348 12.15 -1.65 36.32
C SER A 348 11.59 -0.50 35.49
N VAL A 349 10.43 -0.72 34.88
CA VAL A 349 9.76 0.30 34.08
C VAL A 349 9.39 1.52 34.91
N LYS A 350 8.79 1.29 36.07
CA LYS A 350 8.41 2.39 36.97
C LYS A 350 9.65 3.10 37.52
N ASP A 351 10.68 2.32 37.85
CA ASP A 351 11.93 2.87 38.36
C ASP A 351 12.54 3.82 37.34
N LYS A 352 12.60 3.38 36.10
CA LYS A 352 13.10 4.20 35.01
C LYS A 352 12.19 5.41 34.83
N LEU A 353 10.89 5.20 35.05
CA LEU A 353 9.90 6.25 34.85
C LEU A 353 9.99 7.32 35.92
N ASP A 354 9.65 6.95 37.16
CA ASP A 354 9.62 7.90 38.26
C ASP A 354 11.02 8.41 38.59
N ALA A 355 11.51 9.32 37.77
CA ALA A 355 12.82 9.94 37.99
C ALA A 355 12.65 11.39 38.39
N GLU A 356 13.70 11.98 38.93
CA GLU A 356 13.69 13.40 39.29
C GLU A 356 13.52 14.25 38.03
N HIS A 357 14.21 13.86 36.97
CA HIS A 357 13.96 14.44 35.66
C HIS A 357 12.58 13.97 35.21
N VAL A 358 11.94 14.74 34.35
CA VAL A 358 10.58 14.41 33.92
C VAL A 358 10.54 13.16 33.05
N ALA A 359 9.34 12.60 32.90
CA ALA A 359 9.12 11.44 32.05
C ALA A 359 9.07 11.84 30.58
N TYR A 360 8.87 10.88 29.69
CA TYR A 360 8.83 11.18 28.27
C TYR A 360 7.92 10.24 27.44
N SER A 361 8.43 9.76 26.31
CA SER A 361 7.57 9.07 25.35
C SER A 361 8.13 7.75 24.85
N LEU A 362 9.41 7.50 25.05
CA LEU A 362 10.02 6.26 24.57
C LEU A 362 9.56 5.06 25.40
N LEU A 363 8.71 5.33 26.38
CA LEU A 363 8.18 4.31 27.27
C LEU A 363 7.15 3.40 26.57
N VAL A 364 6.48 3.94 25.56
CA VAL A 364 5.39 3.23 24.89
C VAL A 364 5.82 1.87 24.34
N GLU A 365 7.01 1.80 23.78
CA GLU A 365 7.53 0.55 23.25
C GLU A 365 7.85 -0.45 24.36
N GLU A 366 8.03 0.05 25.57
CA GLU A 366 8.40 -0.78 26.71
C GLU A 366 7.18 -1.31 27.47
N VAL A 367 5.98 -0.90 27.05
CA VAL A 367 4.76 -1.35 27.71
C VAL A 367 3.87 -2.14 26.77
N ALA A 368 4.01 -1.89 25.48
CA ALA A 368 3.29 -2.65 24.47
C ALA A 368 3.68 -4.12 24.60
N SER A 369 4.91 -4.36 25.05
CA SER A 369 5.38 -5.70 25.31
C SER A 369 4.68 -6.26 26.54
N ILE A 370 4.49 -5.42 27.55
CA ILE A 370 3.93 -5.86 28.83
C ILE A 370 2.45 -6.23 28.74
N GLU A 371 1.70 -5.45 27.96
CA GLU A 371 0.30 -5.79 27.70
C GLU A 371 0.19 -7.21 27.15
N LYS A 372 1.13 -7.58 26.27
CA LYS A 372 1.19 -8.95 25.75
C LYS A 372 1.66 -9.91 26.84
N GLN A 373 2.59 -9.45 27.67
CA GLN A 373 3.15 -10.27 28.74
C GLN A 373 2.07 -10.76 29.70
N ILE A 374 1.07 -9.92 29.94
CA ILE A 374 -0.07 -10.35 30.74
C ILE A 374 -1.08 -11.10 29.88
N GLU A 375 -1.31 -10.59 28.67
CA GLU A 375 -2.25 -11.21 27.73
C GLU A 375 -1.99 -12.70 27.55
N GLU A 376 -0.72 -13.09 27.63
CA GLU A 376 -0.33 -14.49 27.45
C GLU A 376 -0.46 -15.28 28.74
N VAL A 377 0.25 -14.84 29.78
CA VAL A 377 0.28 -15.55 31.06
C VAL A 377 -1.12 -15.78 31.63
N LYS A 378 -1.98 -14.78 31.48
CA LYS A 378 -3.37 -14.93 31.94
C LYS A 378 -4.04 -16.11 31.27
N LYS A 379 -3.90 -16.19 29.94
CA LYS A 379 -4.45 -17.30 29.18
C LYS A 379 -3.81 -18.62 29.58
N GLU A 380 -2.55 -18.56 30.01
CA GLU A 380 -1.85 -19.77 30.45
C GLU A 380 -2.47 -20.33 31.74
N HIS A 381 -2.52 -19.48 32.76
CA HIS A 381 -3.13 -19.89 34.03
C HIS A 381 -4.60 -20.27 33.84
N ALA A 382 -5.25 -19.67 32.84
CA ALA A 382 -6.60 -20.07 32.47
C ALA A 382 -6.61 -21.50 31.94
N GLU A 383 -5.67 -21.79 31.04
CA GLU A 383 -5.53 -23.12 30.47
C GLU A 383 -5.32 -24.16 31.55
N TYR A 384 -4.56 -23.79 32.58
CA TYR A 384 -4.28 -24.75 33.65
C TYR A 384 -5.43 -24.87 34.64
N ARG A 385 -6.21 -23.80 34.79
CA ARG A 385 -7.48 -23.89 35.51
C ARG A 385 -8.34 -24.95 34.83
N GLU A 386 -8.49 -24.80 33.52
CA GLU A 386 -9.26 -25.76 32.72
C GLU A 386 -8.71 -27.17 32.88
N ASN A 387 -7.38 -27.29 32.81
CA ASN A 387 -6.72 -28.59 32.93
C ASN A 387 -7.05 -29.27 34.25
N LEU A 388 -6.97 -28.51 35.35
CA LEU A 388 -7.31 -29.05 36.65
C LEU A 388 -8.77 -29.47 36.68
N GLN A 389 -9.66 -28.61 36.19
CA GLN A 389 -11.09 -28.89 36.26
C GLN A 389 -11.54 -30.05 35.37
N ALA A 390 -10.77 -30.36 34.33
CA ALA A 390 -11.17 -31.36 33.34
C ALA A 390 -11.00 -32.79 33.84
N LEU A 391 -10.05 -32.98 34.76
CA LEU A 391 -9.71 -34.31 35.25
C LEU A 391 -10.90 -35.00 35.90
N ARG A 392 -11.74 -34.24 36.58
CA ARG A 392 -12.91 -34.79 37.26
C ARG A 392 -13.90 -35.37 36.25
N LYS A 393 -13.77 -34.93 35.01
CA LYS A 393 -14.64 -35.42 33.94
C LYS A 393 -13.93 -36.51 33.16
N GLU A 394 -12.60 -36.50 33.17
CA GLU A 394 -11.81 -37.49 32.45
C GLU A 394 -11.98 -38.90 33.01
N GLU A 395 -12.05 -39.01 34.33
CA GLU A 395 -12.25 -40.31 34.98
C GLU A 395 -13.71 -40.73 34.95
N LEU A 396 -14.48 -40.13 34.05
CA LEU A 396 -15.87 -40.52 33.84
C LEU A 396 -16.01 -41.17 32.46
N GLN A 397 -15.58 -40.44 31.44
CA GLN A 397 -15.60 -40.94 30.07
C GLN A 397 -14.73 -42.18 29.96
N ALA A 398 -13.66 -42.21 30.77
CA ALA A 398 -12.81 -43.40 30.84
C ALA A 398 -13.60 -44.58 31.36
N ARG A 399 -14.38 -44.35 32.42
CA ARG A 399 -15.20 -45.39 33.01
C ARG A 399 -16.22 -45.89 31.99
N GLU A 400 -16.74 -44.96 31.19
CA GLU A 400 -17.63 -45.32 30.09
C GLU A 400 -16.94 -46.26 29.11
N THR A 401 -15.77 -45.84 28.63
CA THR A 401 -15.00 -46.62 27.67
C THR A 401 -14.73 -48.04 28.16
N LEU A 402 -14.25 -48.15 29.40
CA LEU A 402 -13.96 -49.46 29.97
C LEU A 402 -15.21 -50.31 30.13
N SER A 403 -16.26 -49.71 30.67
CA SER A 403 -17.54 -50.41 30.86
C SER A 403 -18.11 -50.87 29.53
N ASN A 404 -17.70 -50.22 28.44
CA ASN A 404 -18.09 -50.65 27.10
C ASN A 404 -17.22 -51.80 26.59
N LEU A 405 -15.91 -51.65 26.77
CA LEU A 405 -14.95 -52.66 26.33
C LEU A 405 -15.26 -54.00 26.96
N LYS A 406 -15.67 -53.98 28.22
CA LYS A 406 -16.09 -55.20 28.91
C LYS A 406 -17.23 -55.89 28.16
N LYS A 407 -18.22 -55.10 27.74
CA LYS A 407 -19.38 -55.63 27.02
C LYS A 407 -18.95 -56.23 25.67
N THR A 408 -18.15 -55.49 24.93
CA THR A 408 -17.63 -55.98 23.65
C THR A 408 -16.93 -57.32 23.82
N ILE A 409 -15.93 -57.34 24.69
CA ILE A 409 -15.18 -58.56 24.99
C ILE A 409 -16.09 -59.71 25.38
N SER A 410 -17.10 -59.45 26.22
CA SER A 410 -18.04 -60.49 26.60
C SER A 410 -18.73 -61.08 25.39
N GLU A 411 -19.45 -60.25 24.64
CA GLU A 411 -20.20 -60.75 23.49
C GLU A 411 -19.35 -61.48 22.46
N THR A 412 -18.16 -60.96 22.15
CA THR A 412 -17.29 -61.65 21.20
C THR A 412 -16.80 -62.96 21.80
N ALA A 413 -16.50 -62.94 23.09
CA ALA A 413 -16.08 -64.15 23.77
C ALA A 413 -17.14 -65.22 23.64
N ARG A 414 -18.40 -64.83 23.77
CA ARG A 414 -19.45 -65.84 23.61
C ARG A 414 -19.67 -66.19 22.13
N LEU A 415 -19.37 -65.25 21.23
CA LEU A 415 -19.45 -65.51 19.81
C LEU A 415 -18.47 -66.60 19.42
N LEU A 416 -17.41 -66.72 20.22
CA LEU A 416 -16.45 -67.80 20.06
C LEU A 416 -16.97 -69.12 20.63
N LYS A 417 -18.15 -69.51 20.16
CA LYS A 417 -18.70 -70.83 20.42
C LYS A 417 -19.22 -71.36 19.08
N THR A 418 -19.72 -72.60 19.07
CA THR A 418 -20.36 -73.21 17.89
C THR A 418 -19.42 -73.56 16.73
N SER A 419 -18.36 -72.78 16.56
CA SER A 419 -17.36 -73.04 15.51
C SER A 419 -16.47 -74.21 15.89
N ASN A 420 -16.83 -75.40 15.42
CA ASN A 420 -16.22 -76.67 15.85
C ASN A 420 -14.68 -76.72 15.91
N ILE A 421 -14.02 -75.81 15.22
CA ILE A 421 -12.58 -75.72 15.23
C ILE A 421 -12.15 -74.59 16.14
N PRO A 422 -11.28 -74.88 17.12
CA PRO A 422 -10.79 -73.90 18.10
C PRO A 422 -10.14 -72.70 17.41
N GLY A 423 -10.78 -71.55 17.50
CA GLY A 423 -10.35 -70.36 16.78
C GLY A 423 -8.92 -69.94 17.06
N ILE A 424 -8.38 -69.12 16.16
CA ILE A 424 -7.00 -68.63 16.16
C ILE A 424 -6.06 -69.34 17.13
N PRO A 425 -5.74 -70.61 16.85
CA PRO A 425 -4.99 -71.51 17.73
C PRO A 425 -3.71 -70.88 18.29
N SER A 426 -3.15 -69.91 17.57
CA SER A 426 -1.98 -69.19 18.03
C SER A 426 -2.35 -67.84 18.66
N HIS A 427 -3.31 -67.15 18.04
CA HIS A 427 -3.71 -65.83 18.52
C HIS A 427 -4.88 -65.89 19.49
N ILE A 428 -5.15 -67.07 20.04
CA ILE A 428 -6.16 -67.21 21.08
C ILE A 428 -5.56 -66.85 22.44
N GLN A 429 -4.43 -67.46 22.77
CA GLN A 429 -3.74 -67.19 24.03
C GLN A 429 -2.87 -65.95 23.90
N GLU A 430 -3.18 -65.11 22.92
CA GLU A 430 -2.44 -63.87 22.68
C GLU A 430 -3.30 -62.63 22.89
N MET A 431 -4.38 -62.54 22.13
CA MET A 431 -5.23 -61.35 22.17
C MET A 431 -6.37 -61.49 23.19
N LEU A 432 -6.44 -62.63 23.85
CA LEU A 432 -7.38 -62.82 24.95
C LEU A 432 -6.64 -62.68 26.28
N GLU A 433 -5.35 -63.00 26.26
CA GLU A 433 -4.49 -62.76 27.42
C GLU A 433 -4.08 -61.30 27.48
N ASN A 434 -4.78 -60.48 26.70
CA ASN A 434 -4.68 -59.03 26.82
C ASN A 434 -6.00 -58.49 27.37
N ALA A 435 -7.00 -59.37 27.42
CA ALA A 435 -8.28 -59.03 28.02
C ALA A 435 -8.15 -58.99 29.53
N HIS A 436 -7.44 -59.97 30.09
CA HIS A 436 -7.17 -60.00 31.51
C HIS A 436 -6.03 -59.06 31.86
N HIS A 437 -5.10 -58.90 30.92
CA HIS A 437 -3.88 -58.13 31.18
C HIS A 437 -4.01 -56.66 30.82
N HIS A 438 -5.24 -56.21 30.57
CA HIS A 438 -5.53 -54.78 30.39
C HIS A 438 -6.86 -54.43 31.02
N ILE A 439 -7.18 -55.15 32.09
CA ILE A 439 -8.34 -54.86 32.93
C ILE A 439 -7.83 -54.81 34.36
N GLN A 440 -6.83 -55.65 34.66
CA GLN A 440 -6.13 -55.59 35.93
C GLN A 440 -5.38 -54.27 36.02
N GLU A 441 -5.03 -53.71 34.87
CA GLU A 441 -4.48 -52.37 34.80
C GLU A 441 -5.54 -51.37 35.21
N THR A 442 -6.77 -51.60 34.75
CA THR A 442 -7.90 -50.75 35.13
C THR A 442 -8.34 -51.06 36.55
N VAL A 443 -7.97 -52.24 37.04
CA VAL A 443 -8.13 -52.50 38.46
C VAL A 443 -7.21 -51.51 39.17
N ASN A 444 -5.96 -51.43 38.72
CA ASN A 444 -5.02 -50.46 39.27
C ASN A 444 -5.44 -49.01 39.08
N GLN A 445 -6.29 -48.75 38.09
CA GLN A 445 -6.77 -47.39 37.85
C GLN A 445 -7.79 -46.96 38.91
N LEU A 446 -9.02 -47.47 38.79
CA LEU A 446 -10.12 -47.03 39.63
C LEU A 446 -10.13 -47.64 41.03
N ASN A 447 -9.00 -48.21 41.44
CA ASN A 447 -8.84 -48.67 42.82
C ASN A 447 -7.85 -47.77 43.53
N GLU A 448 -7.04 -47.06 42.75
CA GLU A 448 -6.06 -46.14 43.32
C GLU A 448 -6.74 -44.93 43.95
N LEU A 449 -6.29 -44.56 45.14
CA LEU A 449 -6.85 -43.43 45.86
C LEU A 449 -5.74 -42.70 46.62
N PRO A 450 -5.27 -41.57 46.08
CA PRO A 450 -5.76 -40.96 44.84
C PRO A 450 -5.23 -41.66 43.60
N LEU A 451 -6.05 -41.73 42.56
CA LEU A 451 -5.62 -42.30 41.28
C LEU A 451 -4.96 -41.23 40.44
N ASN A 452 -4.55 -41.59 39.23
CA ASN A 452 -3.95 -40.62 38.31
C ASN A 452 -4.28 -40.93 36.85
N MET A 453 -4.78 -39.91 36.15
CA MET A 453 -5.32 -40.09 34.80
C MET A 453 -4.27 -40.44 33.76
N GLU A 454 -3.00 -40.25 34.08
CA GLU A 454 -1.94 -40.60 33.15
C GLU A 454 -1.75 -42.11 33.14
N GLU A 455 -1.71 -42.70 34.33
CA GLU A 455 -1.64 -44.14 34.49
C GLU A 455 -2.85 -44.82 33.86
N ALA A 456 -3.94 -44.07 33.73
CA ALA A 456 -5.17 -44.58 33.15
C ALA A 456 -5.12 -44.49 31.62
N GLY A 457 -4.80 -43.30 31.13
CA GLY A 457 -4.73 -43.05 29.69
C GLY A 457 -3.69 -43.92 29.01
N ALA A 458 -2.59 -44.15 29.71
CA ALA A 458 -1.53 -45.02 29.19
C ALA A 458 -2.09 -46.42 28.96
N HIS A 459 -2.73 -46.98 29.98
CA HIS A 459 -3.35 -48.29 29.89
C HIS A 459 -4.72 -48.22 29.24
N LEU A 460 -4.92 -47.22 28.40
CA LEU A 460 -6.12 -47.11 27.57
C LEU A 460 -5.75 -47.02 26.10
N LYS A 461 -4.64 -46.37 25.82
CA LYS A 461 -4.06 -46.40 24.47
C LYS A 461 -3.59 -47.83 24.22
N GLN A 462 -3.22 -48.51 25.30
CA GLN A 462 -2.84 -49.92 25.24
C GLN A 462 -4.09 -50.78 25.39
N ALA A 463 -5.26 -50.13 25.41
CA ALA A 463 -6.53 -50.85 25.48
C ALA A 463 -7.33 -50.68 24.19
N GLU A 464 -7.08 -49.58 23.49
CA GLU A 464 -7.71 -49.33 22.19
C GLU A 464 -6.98 -50.11 21.10
N ASP A 465 -7.74 -50.57 20.11
CA ASP A 465 -7.20 -51.35 19.00
C ASP A 465 -6.45 -52.61 19.44
N ILE A 466 -6.67 -53.01 20.69
CA ILE A 466 -6.16 -54.28 21.18
C ILE A 466 -7.33 -55.09 21.71
N VAL A 467 -8.48 -54.42 21.82
CA VAL A 467 -9.73 -55.08 22.14
C VAL A 467 -10.52 -55.25 20.84
N ASN A 468 -10.56 -54.18 20.05
CA ASN A 468 -11.26 -54.19 18.78
C ASN A 468 -10.55 -55.04 17.74
N ARG A 469 -9.24 -54.82 17.58
CA ARG A 469 -8.45 -55.59 16.63
C ARG A 469 -8.21 -57.02 17.10
N ALA A 470 -9.00 -57.44 18.08
CA ALA A 470 -9.01 -58.82 18.54
C ALA A 470 -10.45 -59.32 18.50
N SER A 471 -11.39 -58.40 18.28
CA SER A 471 -12.79 -58.77 18.15
C SER A 471 -13.19 -58.80 16.68
N ARG A 472 -12.61 -57.90 15.90
CA ARG A 472 -12.84 -57.89 14.46
C ARG A 472 -12.40 -59.20 13.84
N GLU A 473 -11.13 -59.55 14.05
CA GLU A 473 -10.57 -60.77 13.49
C GLU A 473 -11.34 -62.00 13.92
N SER A 474 -11.75 -62.02 15.18
CA SER A 474 -12.50 -63.16 15.73
C SER A 474 -13.87 -63.27 15.06
N GLU A 475 -14.57 -62.16 14.94
CA GLU A 475 -15.88 -62.14 14.29
C GLU A 475 -15.76 -62.56 12.83
N GLU A 476 -14.66 -62.17 12.19
CA GLU A 476 -14.39 -62.57 10.82
C GLU A 476 -14.15 -64.07 10.74
N LEU A 477 -13.51 -64.61 11.78
CA LEU A 477 -13.26 -66.05 11.83
C LEU A 477 -14.54 -66.84 12.03
N VAL A 478 -15.43 -66.32 12.88
CA VAL A 478 -16.72 -66.98 13.10
C VAL A 478 -17.53 -66.95 11.82
N GLU A 479 -17.56 -65.78 11.19
CA GLU A 479 -18.21 -65.61 9.90
C GLU A 479 -17.67 -66.63 8.91
N GLN A 480 -16.36 -66.77 8.89
CA GLN A 480 -15.67 -67.69 7.99
C GLN A 480 -16.10 -69.13 8.25
N VAL A 481 -16.08 -69.53 9.52
CA VAL A 481 -16.43 -70.90 9.90
C VAL A 481 -17.87 -71.25 9.54
N ILE A 482 -18.81 -70.38 9.93
CA ILE A 482 -20.21 -70.60 9.59
C ILE A 482 -20.37 -70.69 8.07
N LEU A 483 -19.69 -69.80 7.36
CA LEU A 483 -19.73 -69.78 5.91
C LEU A 483 -19.29 -71.12 5.32
N ILE A 484 -18.06 -71.52 5.63
CA ILE A 484 -17.48 -72.75 5.11
C ILE A 484 -18.31 -73.99 5.48
N GLU A 485 -18.78 -74.03 6.71
CA GLU A 485 -19.67 -75.11 7.15
C GLU A 485 -20.89 -75.19 6.25
N LYS A 486 -21.51 -74.04 5.99
CA LYS A 486 -22.69 -74.01 5.11
C LYS A 486 -22.32 -74.23 3.64
N ILE A 487 -21.04 -74.14 3.32
CA ILE A 487 -20.57 -74.40 1.96
C ILE A 487 -20.47 -75.90 1.73
N ILE A 488 -19.73 -76.58 2.61
CA ILE A 488 -19.59 -78.02 2.55
C ILE A 488 -20.94 -78.68 2.83
N GLN A 489 -21.84 -77.96 3.50
CA GLN A 489 -23.19 -78.46 3.75
C GLN A 489 -23.96 -78.68 2.44
N PHE A 490 -23.45 -78.09 1.36
CA PHE A 490 -23.95 -78.38 0.03
C PHE A 490 -22.98 -79.29 -0.70
N GLY A 491 -22.14 -79.99 0.08
CA GLY A 491 -21.21 -80.96 -0.46
C GLY A 491 -21.95 -82.03 -1.25
N ASN A 492 -21.62 -82.15 -2.52
CA ASN A 492 -22.30 -83.05 -3.43
C ASN A 492 -21.58 -84.39 -3.59
N ARG A 493 -21.88 -85.33 -2.71
CA ARG A 493 -21.22 -86.63 -2.70
C ARG A 493 -21.58 -87.50 -3.90
N PHE A 494 -22.52 -87.03 -4.72
CA PHE A 494 -22.93 -87.77 -5.91
C PHE A 494 -21.90 -87.69 -7.03
N ARG A 495 -21.05 -86.67 -6.98
CA ARG A 495 -19.97 -86.55 -7.95
C ARG A 495 -18.80 -87.44 -7.55
N SER A 496 -17.86 -87.63 -8.47
CA SER A 496 -16.76 -88.55 -8.23
C SER A 496 -15.46 -87.83 -7.92
N GLN A 497 -15.24 -86.69 -8.58
CA GLN A 497 -14.00 -85.95 -8.42
C GLN A 497 -14.18 -84.71 -7.57
N ASN A 498 -15.43 -84.31 -7.36
CA ASN A 498 -15.72 -83.18 -6.48
C ASN A 498 -15.82 -83.63 -5.02
N HIS A 499 -16.34 -84.83 -4.82
CA HIS A 499 -16.47 -85.40 -3.48
C HIS A 499 -15.10 -85.62 -2.83
N ILE A 500 -14.20 -86.25 -3.57
CA ILE A 500 -12.88 -86.58 -3.07
C ILE A 500 -12.06 -85.30 -2.85
N LEU A 501 -12.40 -84.24 -3.58
CA LEU A 501 -11.82 -82.94 -3.31
C LEU A 501 -12.39 -82.33 -2.02
N SER A 502 -13.70 -82.48 -1.84
CA SER A 502 -14.38 -81.98 -0.65
C SER A 502 -13.86 -82.63 0.61
N GLU A 503 -13.45 -83.90 0.51
CA GLU A 503 -12.84 -84.60 1.63
C GLU A 503 -11.44 -84.06 1.94
N GLN A 504 -10.80 -83.45 0.94
CA GLN A 504 -9.49 -82.85 1.13
C GLN A 504 -9.64 -81.45 1.72
N LEU A 505 -10.86 -81.10 2.10
CA LEU A 505 -11.13 -79.81 2.72
C LEU A 505 -11.44 -79.99 4.20
N LYS A 506 -12.23 -81.03 4.50
CA LYS A 506 -12.55 -81.37 5.89
C LYS A 506 -11.31 -81.73 6.68
N GLU A 507 -10.46 -82.56 6.08
CA GLU A 507 -9.22 -82.99 6.72
C GLU A 507 -8.26 -81.82 6.90
N ALA A 508 -8.45 -80.78 6.10
CA ALA A 508 -7.57 -79.62 6.13
C ALA A 508 -8.03 -78.59 7.15
N GLU A 509 -9.35 -78.46 7.30
CA GLU A 509 -9.93 -77.48 8.21
C GLU A 509 -9.80 -77.93 9.66
N ARG A 510 -10.04 -79.21 9.90
CA ARG A 510 -9.95 -79.77 11.24
C ARG A 510 -8.52 -79.77 11.80
N ARG A 511 -7.59 -79.19 11.05
CA ARG A 511 -6.25 -78.94 11.57
C ARG A 511 -6.18 -77.54 12.17
N PHE A 512 -5.13 -76.80 11.85
CA PHE A 512 -4.96 -75.45 12.36
C PHE A 512 -4.38 -74.53 11.30
N TYR A 513 -5.04 -74.43 10.15
CA TYR A 513 -4.54 -73.60 9.06
C TYR A 513 -5.65 -72.81 8.34
N ALA A 514 -5.39 -71.52 8.17
CA ALA A 514 -6.41 -70.60 7.65
C ALA A 514 -6.39 -70.45 6.12
N PHE A 515 -5.44 -71.11 5.47
CA PHE A 515 -5.35 -71.08 4.01
C PHE A 515 -5.73 -72.44 3.43
N ASP A 516 -5.72 -73.46 4.28
CA ASP A 516 -6.08 -74.81 3.88
C ASP A 516 -7.52 -74.87 3.39
N TYR A 517 -8.35 -73.96 3.87
CA TYR A 517 -9.75 -73.91 3.46
C TYR A 517 -10.03 -72.77 2.47
N ASP A 518 -8.98 -72.07 2.06
CA ASP A 518 -9.15 -70.96 1.12
C ASP A 518 -9.36 -71.47 -0.30
N ASP A 519 -8.46 -72.33 -0.76
CA ASP A 519 -8.60 -72.94 -2.08
C ASP A 519 -9.59 -74.10 -2.02
N SER A 520 -10.16 -74.31 -0.83
CA SER A 520 -11.12 -75.38 -0.62
C SER A 520 -12.42 -75.11 -1.36
N TYR A 521 -13.09 -74.02 -1.02
CA TYR A 521 -14.35 -73.69 -1.65
C TYR A 521 -14.15 -73.03 -3.01
N GLU A 522 -12.90 -72.84 -3.42
CA GLU A 522 -12.60 -72.41 -4.77
C GLU A 522 -12.77 -73.57 -5.73
N ILE A 523 -12.47 -74.78 -5.21
CA ILE A 523 -12.82 -76.01 -5.91
C ILE A 523 -14.33 -76.10 -6.00
N ALA A 524 -15.00 -75.80 -4.88
CA ALA A 524 -16.45 -75.85 -4.80
C ALA A 524 -17.10 -74.74 -5.63
N ALA A 525 -16.27 -73.93 -6.28
CA ALA A 525 -16.77 -72.88 -7.15
C ALA A 525 -16.37 -73.19 -8.59
N ALA A 526 -15.51 -74.19 -8.76
CA ALA A 526 -15.04 -74.60 -10.08
C ALA A 526 -15.73 -75.88 -10.55
N ALA A 527 -16.84 -76.22 -9.90
CA ALA A 527 -17.65 -77.36 -10.31
C ALA A 527 -19.12 -77.04 -10.04
N VAL A 528 -19.34 -75.87 -9.44
CA VAL A 528 -20.67 -75.37 -9.13
C VAL A 528 -20.82 -74.06 -9.92
N GLU A 529 -22.06 -73.62 -10.11
CA GLU A 529 -22.37 -72.43 -10.90
C GLU A 529 -21.56 -71.18 -10.55
N LYS A 530 -21.56 -70.23 -11.47
CA LYS A 530 -20.82 -68.97 -11.32
C LYS A 530 -21.26 -68.21 -10.08
N ALA A 531 -22.48 -68.48 -9.63
CA ALA A 531 -23.02 -67.84 -8.44
C ALA A 531 -22.65 -68.59 -7.17
N ALA A 532 -21.57 -69.37 -7.23
CA ALA A 532 -21.07 -70.08 -6.05
C ALA A 532 -20.64 -69.15 -4.90
N PRO A 533 -19.95 -68.04 -5.20
CA PRO A 533 -19.69 -67.09 -4.11
C PRO A 533 -20.95 -66.32 -3.72
N GLY A 534 -22.08 -66.68 -4.29
CA GLY A 534 -23.35 -66.06 -3.95
C GLY A 534 -24.39 -67.11 -3.60
N ALA A 535 -24.04 -68.36 -3.82
CA ALA A 535 -24.94 -69.47 -3.52
C ALA A 535 -25.19 -69.55 -2.03
N VAL A 536 -24.11 -69.52 -1.25
CA VAL A 536 -24.19 -69.64 0.19
C VAL A 536 -24.09 -68.27 0.86
N GLU A 537 -23.30 -67.37 0.27
CA GLU A 537 -23.08 -66.06 0.85
C GLU A 537 -24.36 -65.22 0.87
N LYS A 538 -25.31 -65.55 0.01
CA LYS A 538 -26.61 -64.87 0.00
C LYS A 538 -27.51 -65.42 1.10
N ILE A 539 -27.65 -66.75 1.15
CA ILE A 539 -28.47 -67.40 2.16
C ILE A 539 -27.99 -67.03 3.56
N LYS A 540 -26.67 -66.89 3.71
CA LYS A 540 -26.07 -66.51 4.98
C LYS A 540 -26.38 -65.05 5.30
N ALA A 541 -26.39 -64.21 4.26
CA ALA A 541 -26.65 -62.78 4.44
C ALA A 541 -28.11 -62.48 4.75
N ASP A 542 -28.94 -63.52 4.80
CA ASP A 542 -30.35 -63.37 5.12
C ASP A 542 -30.54 -62.95 6.58
#